data_4L3P
#
_entry.id   4L3P
#
_cell.length_a   58.299
_cell.length_b   133.751
_cell.length_c   144.502
_cell.angle_alpha   90.00
_cell.angle_beta   90.00
_cell.angle_gamma   90.00
#
_symmetry.space_group_name_H-M   'I 2 2 2'
#
loop_
_entity.id
_entity.type
_entity.pdbx_description
1 polymer 'Mitogen-activated protein kinase kinase kinase 7, TGF-beta-activated kinase 1 and MAP3K7-binding protein 1 chimera'
2 non-polymer 2-(1-benzothiophen-7-yl)-4-[1-(piperidin-4-yl)-1H-pyrazol-4-yl]furo[2,3-c]pyridin-7-amine
3 water water
#
_entity_poly.entity_id   1
_entity_poly.type   'polypeptide(L)'
_entity_poly.pdbx_seq_one_letter_code
;GSLHMIDYKEIEVEEVVGRGAFGVVCKAKWRAKDVAIKQIESESERKAFIVELRQLSRVNHPNIVKLYGACLNPVCLVME
YAEGGSLYNVLHGAEPLPYYTAAHAMSWCLQCSQGVAYLHSMQPKALIHRDLKPPNLLLVAGGTVLKICDFGTACDIQTH
MTNNKGSAAWMAPEVFEGSNYSEKCDVFSWGIILWEVITRRKPFDEIGGPAFRIMWAVHNGTRPPLIKNLPKPIESLMTR
CWSKDPSQRPSMEEIVKIMTHLMRYFPGADEPLQYPCQHSLPPGEDGRVEPYVDFAEFYRLWSVDHGEQSVVTAP
;
_entity_poly.pdbx_strand_id   A
#
# COMPACT_ATOMS: atom_id res chain seq x y z
N GLY A 1 14.35 -18.28 -8.26
CA GLY A 1 14.99 -18.73 -9.53
C GLY A 1 14.59 -17.88 -10.72
N SER A 2 13.53 -18.29 -11.41
CA SER A 2 13.06 -17.59 -12.60
C SER A 2 11.63 -17.97 -13.01
N LEU A 3 11.07 -17.20 -13.93
CA LEU A 3 9.63 -17.23 -14.20
C LEU A 3 9.20 -18.21 -15.30
N HIS A 4 7.90 -18.51 -15.29
CA HIS A 4 7.29 -19.46 -16.20
C HIS A 4 6.88 -18.79 -17.52
N MET A 5 6.77 -19.58 -18.58
CA MET A 5 6.32 -19.10 -19.89
C MET A 5 4.86 -19.48 -20.12
N ILE A 6 4.07 -18.50 -20.55
CA ILE A 6 2.63 -18.69 -20.75
C ILE A 6 2.21 -17.98 -22.03
N ASP A 7 1.96 -18.75 -23.09
CA ASP A 7 1.49 -18.18 -24.36
C ASP A 7 0.10 -17.55 -24.21
N TYR A 8 -0.15 -16.50 -24.98
CA TYR A 8 -1.37 -15.69 -24.86
C TYR A 8 -2.65 -16.47 -25.22
N LYS A 9 -2.53 -17.43 -26.14
CA LYS A 9 -3.69 -18.22 -26.58
C LYS A 9 -4.23 -19.16 -25.49
N GLU A 10 -3.38 -19.53 -24.54
CA GLU A 10 -3.82 -20.32 -23.37
C GLU A 10 -4.58 -19.46 -22.35
N ILE A 11 -4.37 -18.14 -22.40
CA ILE A 11 -5.07 -17.20 -21.50
C ILE A 11 -6.44 -16.83 -22.06
N GLU A 12 -7.44 -16.79 -21.19
CA GLU A 12 -8.78 -16.36 -21.54
C GLU A 12 -9.03 -14.99 -20.91
N VAL A 13 -8.88 -13.94 -21.72
CA VAL A 13 -8.90 -12.56 -21.25
C VAL A 13 -10.33 -12.03 -21.06
N GLU A 14 -10.57 -11.39 -19.92
CA GLU A 14 -11.86 -10.77 -19.62
C GLU A 14 -11.69 -9.24 -19.51
N GLU A 15 -12.56 -8.57 -18.76
CA GLU A 15 -12.60 -7.10 -18.75
C GLU A 15 -11.41 -6.45 -18.02
N VAL A 16 -11.26 -5.15 -18.21
CA VAL A 16 -10.19 -4.35 -17.60
C VAL A 16 -10.49 -4.16 -16.12
N VAL A 17 -9.46 -4.02 -15.30
CA VAL A 17 -9.66 -3.94 -13.86
C VAL A 17 -8.53 -3.18 -13.13
N GLY A 18 -8.25 -1.96 -13.59
CA GLY A 18 -7.33 -1.06 -12.89
C GLY A 18 -5.99 -0.85 -13.60
N ARG A 19 -5.89 0.22 -14.38
CA ARG A 19 -4.66 0.55 -15.10
C ARG A 19 -3.51 0.84 -14.14
N GLY A 20 -2.36 0.20 -14.39
CA GLY A 20 -1.18 0.37 -13.55
C GLY A 20 -0.42 1.66 -13.82
N ALA A 21 0.83 1.71 -13.38
CA ALA A 21 1.67 2.91 -13.50
C ALA A 21 1.87 3.34 -14.95
N PHE A 22 2.03 2.37 -15.85
CA PHE A 22 2.22 2.64 -17.28
C PHE A 22 1.41 1.71 -18.18
N GLY A 23 1.41 0.41 -17.88
CA GLY A 23 0.64 -0.57 -18.64
C GLY A 23 -0.85 -0.52 -18.32
N VAL A 24 -1.52 -1.66 -18.53
CA VAL A 24 -2.95 -1.80 -18.26
C VAL A 24 -3.24 -3.22 -17.76
N VAL A 25 -4.01 -3.34 -16.68
CA VAL A 25 -4.27 -4.62 -16.02
C VAL A 25 -5.71 -5.08 -16.26
N CYS A 26 -5.89 -6.38 -16.50
CA CYS A 26 -7.21 -6.96 -16.78
C CYS A 26 -7.46 -8.25 -16.01
N LYS A 27 -8.74 -8.56 -15.80
CA LYS A 27 -9.14 -9.88 -15.28
C LYS A 27 -8.99 -10.90 -16.40
N ALA A 28 -8.63 -12.13 -16.03
CA ALA A 28 -8.44 -13.20 -17.01
C ALA A 28 -8.52 -14.59 -16.36
N LYS A 29 -8.33 -15.64 -17.16
CA LYS A 29 -8.25 -17.01 -16.66
C LYS A 29 -7.12 -17.77 -17.36
N TRP A 30 -6.55 -18.75 -16.67
CA TRP A 30 -5.43 -19.52 -17.19
C TRP A 30 -5.26 -20.86 -16.45
N ARG A 31 -5.57 -21.95 -17.16
CA ARG A 31 -5.44 -23.31 -16.62
C ARG A 31 -6.28 -23.55 -15.36
N ALA A 32 -7.60 -23.37 -15.51
CA ALA A 32 -8.56 -23.59 -14.41
C ALA A 32 -8.27 -22.74 -13.17
N LYS A 33 -7.99 -21.46 -13.40
CA LYS A 33 -7.71 -20.51 -12.31
C LYS A 33 -8.24 -19.12 -12.62
N ASP A 34 -8.35 -18.29 -11.58
CA ASP A 34 -8.62 -16.87 -11.74
C ASP A 34 -7.29 -16.13 -11.70
N VAL A 35 -7.10 -15.23 -12.67
CA VAL A 35 -5.79 -14.65 -12.97
C VAL A 35 -5.94 -13.21 -13.44
N ALA A 36 -4.92 -12.39 -13.17
CA ALA A 36 -4.89 -11.01 -13.64
C ALA A 36 -3.62 -10.76 -14.44
N ILE A 37 -3.78 -10.15 -15.63
CA ILE A 37 -2.65 -9.91 -16.53
C ILE A 37 -2.50 -8.43 -16.82
N LYS A 38 -1.27 -8.01 -17.14
CA LYS A 38 -1.02 -6.64 -17.61
C LYS A 38 -0.28 -6.64 -18.94
N GLN A 39 -0.67 -5.72 -19.83
CA GLN A 39 -0.11 -5.63 -21.17
C GLN A 39 0.40 -4.22 -21.45
N ILE A 40 1.23 -4.10 -22.49
CA ILE A 40 1.74 -2.81 -22.94
C ILE A 40 0.64 -1.97 -23.60
N GLU A 41 0.60 -0.68 -23.28
CA GLU A 41 -0.31 0.26 -23.93
C GLU A 41 0.17 0.51 -25.36
N SER A 42 1.43 0.92 -25.46
CA SER A 42 2.11 1.08 -26.75
C SER A 42 3.41 0.30 -26.73
N GLU A 43 4.04 0.18 -27.89
CA GLU A 43 5.31 -0.54 -28.03
C GLU A 43 6.47 0.25 -27.40
N SER A 44 6.30 1.56 -27.25
CA SER A 44 7.32 2.44 -26.69
C SER A 44 7.68 2.11 -25.23
N GLU A 45 6.73 1.56 -24.49
CA GLU A 45 6.96 1.17 -23.09
C GLU A 45 7.32 -0.33 -22.94
N ARG A 46 7.96 -0.88 -23.97
CA ARG A 46 8.45 -2.25 -23.93
C ARG A 46 9.66 -2.38 -23.00
N LYS A 47 10.43 -1.30 -22.88
CA LYS A 47 11.68 -1.31 -22.13
C LYS A 47 11.45 -1.66 -20.66
N ALA A 48 10.41 -1.08 -20.08
CA ALA A 48 10.10 -1.28 -18.66
C ALA A 48 9.74 -2.73 -18.34
N PHE A 49 8.99 -3.38 -19.23
CA PHE A 49 8.59 -4.78 -19.05
C PHE A 49 9.78 -5.73 -18.94
N ILE A 50 10.87 -5.42 -19.64
CA ILE A 50 12.09 -6.24 -19.61
C ILE A 50 12.81 -6.06 -18.27
N VAL A 51 12.82 -4.83 -17.76
CA VAL A 51 13.39 -4.54 -16.45
C VAL A 51 12.51 -5.13 -15.35
N GLU A 52 11.18 -5.05 -15.52
CA GLU A 52 10.23 -5.60 -14.54
C GLU A 52 10.38 -7.10 -14.35
N LEU A 53 10.52 -7.84 -15.46
CA LEU A 53 10.53 -9.31 -15.42
C LEU A 53 11.72 -9.88 -14.66
N ARG A 54 12.91 -9.33 -14.91
CA ARG A 54 14.12 -9.78 -14.21
C ARG A 54 14.03 -9.51 -12.70
N GLN A 55 13.34 -8.44 -12.31
CA GLN A 55 13.11 -8.13 -10.89
C GLN A 55 12.09 -9.09 -10.28
N LEU A 56 10.92 -9.17 -10.89
CA LEU A 56 9.82 -10.02 -10.41
C LEU A 56 10.16 -11.52 -10.38
N SER A 57 11.11 -11.93 -11.22
CA SER A 57 11.60 -13.32 -11.19
C SER A 57 12.34 -13.62 -9.89
N ARG A 58 13.01 -12.61 -9.34
CA ARG A 58 13.78 -12.75 -8.11
C ARG A 58 12.91 -12.69 -6.85
N VAL A 59 11.85 -11.87 -6.88
CA VAL A 59 11.04 -11.63 -5.68
C VAL A 59 10.11 -12.80 -5.37
N ASN A 60 9.97 -13.10 -4.08
CA ASN A 60 9.11 -14.18 -3.62
C ASN A 60 8.80 -14.01 -2.13
N HIS A 61 7.66 -13.41 -1.84
CA HIS A 61 7.27 -13.05 -0.48
C HIS A 61 5.74 -12.99 -0.37
N PRO A 62 5.18 -13.43 0.78
CA PRO A 62 3.71 -13.51 0.92
C PRO A 62 2.97 -12.18 0.80
N ASN A 63 3.67 -11.08 0.99
CA ASN A 63 3.08 -9.76 0.89
C ASN A 63 3.50 -9.02 -0.38
N ILE A 64 3.73 -9.80 -1.44
CA ILE A 64 4.02 -9.31 -2.77
C ILE A 64 3.27 -10.20 -3.77
N VAL A 65 2.65 -9.59 -4.77
CA VAL A 65 1.88 -10.34 -5.76
C VAL A 65 2.71 -11.46 -6.38
N LYS A 66 2.17 -12.68 -6.33
CA LYS A 66 2.84 -13.83 -6.91
C LYS A 66 2.66 -13.80 -8.43
N LEU A 67 3.78 -13.61 -9.14
CA LEU A 67 3.80 -13.71 -10.59
C LEU A 67 3.75 -15.18 -10.98
N TYR A 68 2.88 -15.53 -11.93
CA TYR A 68 2.83 -16.90 -12.45
C TYR A 68 3.74 -17.07 -13.66
N GLY A 69 3.59 -16.20 -14.66
CA GLY A 69 4.41 -16.28 -15.87
C GLY A 69 4.28 -15.09 -16.80
N ALA A 70 4.70 -15.27 -18.05
CA ALA A 70 4.72 -14.21 -19.05
C ALA A 70 4.99 -14.78 -20.45
N CYS A 71 5.03 -13.90 -21.46
CA CYS A 71 5.48 -14.27 -22.81
C CYS A 71 5.76 -13.02 -23.65
N LEU A 72 6.14 -13.23 -24.90
CA LEU A 72 6.26 -12.14 -25.89
C LEU A 72 5.32 -12.41 -27.07
N ASN A 73 4.10 -12.83 -26.77
CA ASN A 73 3.08 -12.97 -27.81
C ASN A 73 2.52 -11.58 -28.17
N PRO A 74 1.66 -11.00 -27.31
CA PRO A 74 1.55 -9.54 -27.30
C PRO A 74 2.37 -8.92 -26.14
N VAL A 75 3.37 -9.65 -25.66
CA VAL A 75 4.15 -9.34 -24.44
C VAL A 75 3.30 -8.91 -23.24
N CYS A 76 3.22 -9.76 -22.22
CA CYS A 76 2.40 -9.49 -21.03
C CYS A 76 2.87 -10.25 -19.81
N LEU A 77 2.43 -9.79 -18.63
CA LEU A 77 2.69 -10.45 -17.36
C LEU A 77 1.42 -11.12 -16.84
N VAL A 78 1.58 -12.20 -16.09
CA VAL A 78 0.46 -12.99 -15.57
C VAL A 78 0.59 -13.15 -14.06
N MET A 79 -0.39 -12.67 -13.32
CA MET A 79 -0.34 -12.63 -11.86
C MET A 79 -1.54 -13.33 -11.23
N GLU A 80 -1.50 -13.44 -9.90
CA GLU A 80 -2.64 -13.94 -9.14
C GLU A 80 -3.73 -12.88 -9.06
N TYR A 81 -4.98 -13.28 -9.28
CA TYR A 81 -6.09 -12.35 -9.20
C TYR A 81 -6.44 -12.06 -7.74
N ALA A 82 -6.17 -10.83 -7.31
CA ALA A 82 -6.52 -10.38 -5.96
C ALA A 82 -8.02 -10.09 -5.94
N GLU A 83 -8.77 -10.95 -5.26
CA GLU A 83 -10.24 -10.92 -5.33
C GLU A 83 -10.85 -9.65 -4.75
N GLY A 84 -10.16 -9.06 -3.76
CA GLY A 84 -10.68 -7.92 -3.02
C GLY A 84 -10.35 -6.55 -3.58
N GLY A 85 -9.71 -6.53 -4.75
CA GLY A 85 -9.32 -5.27 -5.39
C GLY A 85 -8.23 -4.53 -4.64
N SER A 86 -8.08 -3.24 -4.92
CA SER A 86 -7.05 -2.42 -4.29
C SER A 86 -7.50 -1.94 -2.92
N LEU A 87 -6.53 -1.55 -2.09
CA LEU A 87 -6.84 -0.97 -0.79
C LEU A 87 -7.55 0.36 -0.95
N TYR A 88 -7.18 1.12 -1.98
CA TYR A 88 -7.78 2.44 -2.23
C TYR A 88 -9.28 2.31 -2.38
N ASN A 89 -9.73 1.34 -3.16
CA ASN A 89 -11.16 1.07 -3.31
C ASN A 89 -11.82 0.77 -1.98
N VAL A 90 -11.27 -0.19 -1.25
CA VAL A 90 -11.81 -0.57 0.06
C VAL A 90 -12.01 0.65 0.95
N LEU A 91 -11.06 1.57 0.91
CA LEU A 91 -11.09 2.75 1.77
C LEU A 91 -12.02 3.83 1.24
N HIS A 92 -11.90 4.14 -0.05
CA HIS A 92 -12.53 5.33 -0.62
C HIS A 92 -13.43 5.05 -1.82
N GLY A 93 -13.63 3.78 -2.17
CA GLY A 93 -14.28 3.40 -3.42
C GLY A 93 -15.80 3.40 -3.39
N ALA A 94 -16.37 2.35 -3.99
CA ALA A 94 -17.79 2.31 -4.39
C ALA A 94 -18.81 2.45 -3.26
N GLU A 95 -20.04 2.81 -3.63
CA GLU A 95 -21.12 3.12 -2.69
C GLU A 95 -21.11 2.26 -1.42
N PRO A 96 -21.27 0.92 -1.56
CA PRO A 96 -21.25 0.08 -0.36
C PRO A 96 -19.83 -0.33 0.00
N LEU A 97 -19.27 0.35 1.01
CA LEU A 97 -17.92 0.05 1.49
C LEU A 97 -17.97 -0.94 2.63
N PRO A 98 -16.87 -1.72 2.82
CA PRO A 98 -16.82 -2.65 3.94
C PRO A 98 -16.44 -1.96 5.23
N TYR A 99 -17.06 -2.37 6.34
CA TYR A 99 -16.63 -1.95 7.65
C TYR A 99 -15.29 -2.63 7.92
N TYR A 100 -14.37 -1.91 8.56
CA TYR A 100 -13.17 -2.54 9.08
C TYR A 100 -12.78 -1.95 10.44
N THR A 101 -11.80 -2.60 11.06
CA THR A 101 -11.45 -2.39 12.45
C THR A 101 -10.01 -1.93 12.56
N ALA A 102 -9.65 -1.36 13.70
CA ALA A 102 -8.25 -1.01 13.98
C ALA A 102 -7.31 -2.19 13.69
N ALA A 103 -7.73 -3.39 14.06
CA ALA A 103 -6.93 -4.59 13.82
C ALA A 103 -6.59 -4.74 12.35
N HIS A 104 -7.57 -4.48 11.48
CA HIS A 104 -7.36 -4.51 10.04
C HIS A 104 -6.40 -3.41 9.60
N ALA A 105 -6.58 -2.21 10.15
CA ALA A 105 -5.75 -1.06 9.81
C ALA A 105 -4.28 -1.35 10.02
N MET A 106 -3.97 -1.88 11.20
CA MET A 106 -2.60 -2.16 11.59
C MET A 106 -2.08 -3.40 10.85
N SER A 107 -2.92 -4.42 10.73
CA SER A 107 -2.52 -5.63 9.99
C SER A 107 -2.07 -5.32 8.57
N TRP A 108 -2.81 -4.43 7.90
CA TRP A 108 -2.49 -4.05 6.53
C TRP A 108 -1.14 -3.36 6.45
N CYS A 109 -0.98 -2.34 7.29
CA CYS A 109 0.29 -1.63 7.39
C CYS A 109 1.47 -2.56 7.75
N LEU A 110 1.28 -3.39 8.77
CA LEU A 110 2.30 -4.41 9.08
C LEU A 110 2.66 -5.21 7.84
N GLN A 111 1.64 -5.74 7.16
CA GLN A 111 1.89 -6.59 6.00
C GLN A 111 2.61 -5.84 4.88
N CYS A 112 2.31 -4.55 4.77
CA CYS A 112 2.93 -3.72 3.76
C CYS A 112 4.40 -3.48 4.07
N SER A 113 4.72 -3.31 5.34
CA SER A 113 6.11 -3.10 5.75
C SER A 113 6.93 -4.37 5.59
N GLN A 114 6.31 -5.52 5.82
CA GLN A 114 6.97 -6.81 5.60
C GLN A 114 7.37 -6.98 4.14
N GLY A 115 6.51 -6.55 3.23
CA GLY A 115 6.82 -6.59 1.81
C GLY A 115 7.91 -5.61 1.45
N VAL A 116 7.75 -4.37 1.87
CA VAL A 116 8.72 -3.32 1.55
C VAL A 116 10.09 -3.63 2.16
N ALA A 117 10.11 -4.19 3.37
CA ALA A 117 11.36 -4.59 4.02
C ALA A 117 12.05 -5.71 3.25
N TYR A 118 11.25 -6.65 2.72
CA TYR A 118 11.81 -7.70 1.85
C TYR A 118 12.52 -7.09 0.64
N LEU A 119 11.97 -6.01 0.10
CA LEU A 119 12.55 -5.34 -1.06
C LEU A 119 13.79 -4.54 -0.68
N HIS A 120 13.73 -3.88 0.47
CA HIS A 120 14.88 -3.13 0.98
C HIS A 120 16.07 -4.04 1.29
N SER A 121 15.79 -5.26 1.74
CA SER A 121 16.86 -6.20 2.11
C SER A 121 17.44 -6.95 0.93
N MET A 122 16.76 -6.88 -0.21
CA MET A 122 17.19 -7.55 -1.44
C MET A 122 18.68 -7.34 -1.74
N GLN A 123 19.34 -8.42 -2.17
CA GLN A 123 20.71 -8.37 -2.63
C GLN A 123 20.74 -8.78 -4.11
N PRO A 124 21.82 -8.42 -4.84
CA PRO A 124 22.99 -7.64 -4.44
C PRO A 124 22.72 -6.15 -4.21
N LYS A 125 21.54 -5.66 -4.61
CA LYS A 125 21.16 -4.28 -4.34
C LYS A 125 19.68 -4.18 -3.99
N ALA A 126 19.35 -3.22 -3.12
CA ALA A 126 17.99 -3.07 -2.62
C ALA A 126 17.05 -2.59 -3.73
N LEU A 127 15.79 -2.99 -3.62
CA LEU A 127 14.74 -2.49 -4.50
C LEU A 127 13.89 -1.48 -3.74
N ILE A 128 13.87 -0.25 -4.23
CA ILE A 128 13.03 0.80 -3.67
C ILE A 128 11.74 0.85 -4.48
N HIS A 129 10.61 0.91 -3.81
CA HIS A 129 9.30 0.91 -4.48
C HIS A 129 9.05 2.20 -5.24
N ARG A 130 9.21 3.33 -4.54
CA ARG A 130 8.96 4.69 -5.08
C ARG A 130 7.48 5.06 -5.18
N ASP A 131 6.68 4.16 -5.74
CA ASP A 131 5.30 4.43 -6.10
C ASP A 131 4.33 3.86 -5.05
N LEU A 132 4.70 3.96 -3.77
CA LEU A 132 4.00 3.20 -2.73
C LEU A 132 2.73 3.92 -2.27
N LYS A 133 1.58 3.33 -2.58
CA LYS A 133 0.28 3.95 -2.28
C LYS A 133 -0.85 2.90 -2.42
N PRO A 134 -1.99 3.12 -1.72
CA PRO A 134 -3.10 2.15 -1.71
C PRO A 134 -3.55 1.60 -3.06
N PRO A 135 -3.65 2.45 -4.11
CA PRO A 135 -3.96 1.89 -5.42
C PRO A 135 -3.02 0.76 -5.87
N ASN A 136 -1.78 0.76 -5.35
CA ASN A 136 -0.81 -0.30 -5.61
C ASN A 136 -0.87 -1.45 -4.59
N LEU A 137 -1.47 -1.22 -3.42
CA LEU A 137 -1.69 -2.27 -2.42
C LEU A 137 -2.98 -3.05 -2.66
N LEU A 138 -2.86 -4.36 -2.88
CA LEU A 138 -4.03 -5.21 -3.17
C LEU A 138 -4.39 -6.06 -1.97
N LEU A 139 -5.63 -6.57 -1.94
CA LEU A 139 -6.12 -7.39 -0.84
C LEU A 139 -6.65 -8.75 -1.30
N VAL A 140 -6.28 -9.79 -0.57
CA VAL A 140 -6.76 -11.15 -0.83
C VAL A 140 -7.23 -11.81 0.46
N ALA A 141 -7.85 -12.98 0.34
CA ALA A 141 -8.38 -13.73 1.48
C ALA A 141 -9.38 -12.89 2.29
N GLY A 142 -10.49 -12.54 1.65
CA GLY A 142 -11.56 -11.76 2.30
C GLY A 142 -11.13 -10.43 2.87
N GLY A 143 -10.15 -9.79 2.24
CA GLY A 143 -9.63 -8.49 2.70
C GLY A 143 -8.64 -8.59 3.86
N THR A 144 -8.20 -9.80 4.17
CA THR A 144 -7.36 -10.08 5.33
C THR A 144 -5.86 -9.97 5.02
N VAL A 145 -5.46 -10.51 3.88
CA VAL A 145 -4.05 -10.54 3.47
C VAL A 145 -3.79 -9.43 2.46
N LEU A 146 -2.83 -8.56 2.77
CA LEU A 146 -2.45 -7.46 1.88
C LEU A 146 -1.20 -7.82 1.10
N LYS A 147 -1.16 -7.35 -0.15
CA LYS A 147 -0.03 -7.61 -1.04
C LYS A 147 0.37 -6.36 -1.82
N ILE A 148 1.67 -6.21 -2.07
CA ILE A 148 2.21 -5.11 -2.86
C ILE A 148 2.36 -5.51 -4.33
N CYS A 149 2.24 -4.53 -5.22
CA CYS A 149 2.62 -4.70 -6.62
C CYS A 149 3.14 -3.38 -7.19
N ASP A 150 3.66 -3.44 -8.42
CA ASP A 150 4.11 -2.26 -9.18
C ASP A 150 5.30 -1.54 -8.53
N PHE A 151 6.51 -1.97 -8.88
CA PHE A 151 7.74 -1.35 -8.35
C PHE A 151 8.23 -0.27 -9.33
N GLY A 152 9.55 -0.18 -9.54
CA GLY A 152 10.11 0.69 -10.58
C GLY A 152 9.95 2.17 -10.27
N GLY A 166 2.16 7.16 -8.58
CA GLY A 166 2.59 7.57 -7.23
C GLY A 166 2.34 9.04 -7.00
N SER A 167 1.07 9.41 -6.87
CA SER A 167 0.65 10.81 -6.71
C SER A 167 1.34 11.49 -5.53
N ALA A 168 1.42 12.82 -5.63
CA ALA A 168 2.15 13.65 -4.67
C ALA A 168 1.77 13.41 -3.21
N ALA A 169 0.52 13.04 -2.96
CA ALA A 169 0.02 12.85 -1.60
C ALA A 169 0.87 11.89 -0.75
N TRP A 170 1.50 10.90 -1.39
CA TRP A 170 2.29 9.89 -0.68
C TRP A 170 3.79 10.00 -0.93
N MET A 171 4.20 10.92 -1.78
CA MET A 171 5.61 11.04 -2.17
C MET A 171 6.39 11.81 -1.13
N ALA A 172 7.52 11.25 -0.70
CA ALA A 172 8.43 11.93 0.20
C ALA A 172 8.97 13.21 -0.45
N PRO A 173 9.14 14.28 0.34
CA PRO A 173 9.50 15.58 -0.24
C PRO A 173 10.83 15.64 -0.99
N GLU A 174 11.76 14.75 -0.66
CA GLU A 174 13.05 14.71 -1.37
C GLU A 174 12.92 14.15 -2.78
N VAL A 175 11.83 13.44 -3.05
CA VAL A 175 11.55 12.91 -4.39
C VAL A 175 11.10 14.04 -5.33
N PHE A 176 10.32 15.00 -4.81
CA PHE A 176 9.89 16.17 -5.60
C PHE A 176 11.09 16.90 -6.17
N GLU A 177 12.07 17.14 -5.29
CA GLU A 177 13.22 17.98 -5.64
C GLU A 177 14.35 17.23 -6.34
N GLY A 178 14.03 16.07 -6.94
CA GLY A 178 14.99 15.28 -7.72
C GLY A 178 16.33 15.11 -7.04
N SER A 179 16.32 14.95 -5.72
CA SER A 179 17.55 14.84 -4.93
C SER A 179 17.87 13.36 -4.69
N ASN A 180 19.07 13.10 -4.18
CA ASN A 180 19.57 11.74 -3.99
C ASN A 180 18.79 10.98 -2.90
N TYR A 181 17.57 10.57 -3.24
CA TYR A 181 16.71 9.84 -2.32
C TYR A 181 17.16 8.40 -2.14
N SER A 182 16.53 7.68 -1.21
CA SER A 182 16.91 6.30 -0.87
C SER A 182 15.69 5.45 -0.48
N GLU A 183 15.93 4.37 0.25
CA GLU A 183 14.85 3.49 0.74
C GLU A 183 13.91 4.22 1.70
N LYS A 184 14.38 5.31 2.30
CA LYS A 184 13.60 6.04 3.29
C LYS A 184 12.38 6.75 2.72
N CYS A 185 12.33 6.95 1.40
CA CYS A 185 11.16 7.59 0.78
C CYS A 185 9.94 6.68 0.91
N ASP A 186 10.15 5.38 0.70
CA ASP A 186 9.11 4.36 0.96
C ASP A 186 8.60 4.38 2.39
N VAL A 187 9.45 4.77 3.34
CA VAL A 187 9.04 4.88 4.74
C VAL A 187 8.11 6.08 4.91
N PHE A 188 8.44 7.20 4.31
CA PHE A 188 7.56 8.37 4.32
C PHE A 188 6.17 7.99 3.81
N SER A 189 6.12 7.39 2.61
CA SER A 189 4.88 6.91 2.02
C SER A 189 4.10 6.04 2.98
N TRP A 190 4.83 5.16 3.65
CA TRP A 190 4.20 4.18 4.54
C TRP A 190 3.57 4.90 5.72
N GLY A 191 4.24 5.95 6.21
CA GLY A 191 3.69 6.80 7.27
C GLY A 191 2.34 7.36 6.86
N ILE A 192 2.26 7.90 5.64
CA ILE A 192 1.02 8.50 5.14
C ILE A 192 -0.11 7.48 5.09
N ILE A 193 0.20 6.27 4.65
CA ILE A 193 -0.79 5.20 4.57
C ILE A 193 -1.33 4.84 5.95
N LEU A 194 -0.47 4.84 6.96
CA LEU A 194 -0.91 4.59 8.33
C LEU A 194 -1.98 5.58 8.76
N TRP A 195 -1.75 6.85 8.45
CA TRP A 195 -2.74 7.90 8.70
C TRP A 195 -4.00 7.65 7.91
N GLU A 196 -3.83 7.22 6.67
CA GLU A 196 -4.96 7.06 5.74
C GLU A 196 -5.89 5.94 6.19
N VAL A 197 -5.33 4.83 6.67
CA VAL A 197 -6.16 3.68 7.05
C VAL A 197 -6.82 3.89 8.41
N ILE A 198 -6.14 4.58 9.32
CA ILE A 198 -6.70 4.86 10.63
C ILE A 198 -7.88 5.83 10.52
N THR A 199 -7.75 6.82 9.64
CA THR A 199 -8.78 7.86 9.47
C THR A 199 -9.79 7.58 8.37
N ARG A 200 -9.40 6.73 7.41
CA ARG A 200 -10.20 6.47 6.21
C ARG A 200 -10.46 7.77 5.43
N ARG A 201 -9.40 8.56 5.28
CA ARG A 201 -9.47 9.83 4.57
C ARG A 201 -8.38 9.90 3.54
N LYS A 202 -8.71 10.46 2.39
CA LYS A 202 -7.72 10.70 1.34
C LYS A 202 -6.79 11.80 1.87
N PRO A 203 -5.48 11.49 1.99
CA PRO A 203 -4.58 12.52 2.52
C PRO A 203 -4.44 13.69 1.56
N PHE A 204 -4.50 14.90 2.10
CA PHE A 204 -4.40 16.15 1.33
C PHE A 204 -5.53 16.33 0.33
N ASP A 205 -6.69 15.76 0.63
CA ASP A 205 -7.88 15.96 -0.20
C ASP A 205 -8.38 17.40 -0.07
N GLU A 206 -8.17 18.01 1.10
CA GLU A 206 -8.64 19.37 1.38
C GLU A 206 -7.84 20.43 0.62
N ILE A 207 -6.57 20.15 0.35
CA ILE A 207 -5.74 21.06 -0.44
C ILE A 207 -6.31 21.16 -1.85
N GLY A 208 -6.40 20.03 -2.53
CA GLY A 208 -6.96 19.99 -3.88
C GLY A 208 -6.04 20.58 -4.92
N GLY A 209 -6.62 21.00 -6.04
CA GLY A 209 -5.86 21.54 -7.17
C GLY A 209 -4.99 20.49 -7.85
N PRO A 210 -4.12 20.93 -8.77
CA PRO A 210 -3.14 20.02 -9.39
C PRO A 210 -2.04 19.54 -8.42
N ALA A 211 -1.24 18.59 -8.88
CA ALA A 211 -0.25 17.91 -8.04
C ALA A 211 0.79 18.83 -7.39
N PHE A 212 1.18 19.89 -8.09
CA PHE A 212 2.24 20.77 -7.59
C PHE A 212 1.86 21.54 -6.32
N ARG A 213 0.56 21.70 -6.08
CA ARG A 213 0.07 22.40 -4.90
C ARG A 213 0.23 21.55 -3.63
N ILE A 214 0.16 20.24 -3.77
CA ILE A 214 0.47 19.32 -2.66
C ILE A 214 1.97 19.30 -2.44
N MET A 215 2.73 19.23 -3.52
CA MET A 215 4.19 19.20 -3.45
C MET A 215 4.73 20.44 -2.74
N TRP A 216 4.23 21.61 -3.09
CA TRP A 216 4.59 22.84 -2.39
C TRP A 216 4.27 22.71 -0.90
N ALA A 217 3.02 22.36 -0.62
CA ALA A 217 2.54 22.24 0.76
C ALA A 217 3.40 21.30 1.58
N VAL A 218 3.61 20.09 1.06
CA VAL A 218 4.40 19.05 1.73
C VAL A 218 5.87 19.47 1.86
N HIS A 219 6.41 20.11 0.82
CA HIS A 219 7.79 20.60 0.84
C HIS A 219 8.01 21.67 1.92
N ASN A 220 6.98 22.41 2.28
CA ASN A 220 7.07 23.44 3.32
C ASN A 220 6.84 22.94 4.74
N GLY A 221 6.43 21.67 4.87
CA GLY A 221 6.23 21.07 6.19
C GLY A 221 4.86 20.45 6.39
N THR A 222 3.89 20.82 5.57
CA THR A 222 2.53 20.34 5.73
C THR A 222 2.47 18.82 5.75
N ARG A 223 1.79 18.29 6.76
CA ARG A 223 1.54 16.86 6.93
C ARG A 223 0.04 16.70 7.21
N PRO A 224 -0.46 15.46 7.18
CA PRO A 224 -1.87 15.26 7.53
C PRO A 224 -2.12 15.59 9.00
N PRO A 225 -3.36 15.99 9.35
CA PRO A 225 -3.66 16.39 10.73
C PRO A 225 -3.43 15.28 11.75
N LEU A 226 -3.25 15.67 13.00
CA LEU A 226 -3.12 14.69 14.07
C LEU A 226 -4.49 14.06 14.35
N ILE A 227 -4.46 12.81 14.79
CA ILE A 227 -5.66 12.00 14.98
C ILE A 227 -6.03 11.97 16.46
N LYS A 228 -7.30 12.21 16.77
CA LYS A 228 -7.74 12.29 18.16
C LYS A 228 -7.70 10.92 18.83
N ASN A 229 -7.15 10.87 20.05
CA ASN A 229 -7.02 9.65 20.84
C ASN A 229 -6.22 8.52 20.14
N LEU A 230 -5.29 8.92 19.27
CA LEU A 230 -4.36 7.96 18.67
C LEU A 230 -3.31 7.66 19.74
N PRO A 231 -3.12 6.36 20.07
CA PRO A 231 -2.10 6.04 21.07
C PRO A 231 -0.74 6.64 20.71
N LYS A 232 0.00 7.08 21.73
CA LYS A 232 1.28 7.75 21.51
C LYS A 232 2.26 6.88 20.72
N PRO A 233 2.39 5.58 21.09
CA PRO A 233 3.29 4.71 20.34
C PRO A 233 3.10 4.75 18.83
N ILE A 234 1.85 4.75 18.39
CA ILE A 234 1.52 4.82 16.96
C ILE A 234 1.71 6.24 16.41
N GLU A 235 1.38 7.25 17.20
CA GLU A 235 1.59 8.64 16.80
C GLU A 235 3.06 8.93 16.55
N SER A 236 3.93 8.53 17.48
CA SER A 236 5.36 8.81 17.32
C SER A 236 5.95 8.04 16.14
N LEU A 237 5.52 6.80 15.95
CA LEU A 237 5.96 6.03 14.77
C LEU A 237 5.54 6.76 13.51
N MET A 238 4.25 7.09 13.44
CA MET A 238 3.68 7.77 12.29
C MET A 238 4.44 9.07 11.97
N THR A 239 4.64 9.92 12.97
CA THR A 239 5.25 11.23 12.74
C THR A 239 6.73 11.14 12.43
N ARG A 240 7.41 10.13 12.98
CA ARG A 240 8.81 9.86 12.66
C ARG A 240 9.01 9.48 11.20
N CYS A 241 8.07 8.70 10.65
CA CYS A 241 8.08 8.38 9.22
C CYS A 241 7.92 9.63 8.35
N TRP A 242 7.18 10.62 8.87
CA TRP A 242 7.00 11.89 8.16
C TRP A 242 8.23 12.81 8.20
N SER A 243 9.27 12.45 8.95
CA SER A 243 10.43 13.34 9.11
C SER A 243 10.88 13.97 7.80
N LYS A 244 11.03 15.29 7.79
CA LYS A 244 11.61 15.98 6.64
C LYS A 244 12.95 15.34 6.30
N ASP A 245 13.76 15.13 7.34
CA ASP A 245 15.06 14.46 7.19
C ASP A 245 14.84 12.96 7.02
N PRO A 246 15.28 12.38 5.89
CA PRO A 246 15.15 10.94 5.68
C PRO A 246 15.92 10.08 6.68
N SER A 247 17.02 10.59 7.21
CA SER A 247 17.83 9.85 8.18
C SER A 247 17.14 9.72 9.55
N GLN A 248 16.25 10.67 9.87
CA GLN A 248 15.46 10.60 11.10
C GLN A 248 14.28 9.63 11.02
N ARG A 249 13.97 9.14 9.82
CA ARG A 249 12.94 8.11 9.65
C ARG A 249 13.49 6.74 10.00
N PRO A 250 12.65 5.88 10.60
CA PRO A 250 13.07 4.54 10.93
C PRO A 250 13.18 3.66 9.69
N SER A 251 14.08 2.69 9.71
CA SER A 251 14.15 1.67 8.67
C SER A 251 12.85 0.87 8.63
N MET A 252 12.58 0.25 7.49
CA MET A 252 11.37 -0.56 7.34
C MET A 252 11.46 -1.78 8.26
N GLU A 253 12.67 -2.31 8.44
CA GLU A 253 12.89 -3.41 9.38
C GLU A 253 12.54 -3.04 10.82
N GLU A 254 12.80 -1.78 11.18
CA GLU A 254 12.39 -1.28 12.49
C GLU A 254 10.87 -1.21 12.58
N ILE A 255 10.22 -0.77 11.50
CA ILE A 255 8.76 -0.65 11.48
C ILE A 255 8.08 -2.01 11.58
N VAL A 256 8.63 -3.01 10.88
CA VAL A 256 8.12 -4.38 10.97
C VAL A 256 8.20 -4.89 12.41
N LYS A 257 9.33 -4.67 13.07
CA LYS A 257 9.46 -5.06 14.48
C LYS A 257 8.40 -4.39 15.35
N ILE A 258 8.35 -3.06 15.28
CA ILE A 258 7.41 -2.28 16.10
C ILE A 258 5.95 -2.70 15.85
N MET A 259 5.56 -2.75 14.58
CA MET A 259 4.20 -3.10 14.23
C MET A 259 3.85 -4.50 14.75
N THR A 260 4.71 -5.46 14.48
CA THR A 260 4.55 -6.82 15.01
C THR A 260 4.25 -6.82 16.51
N HIS A 261 5.05 -6.08 17.27
CA HIS A 261 4.85 -5.99 18.71
C HIS A 261 3.47 -5.42 19.04
N LEU A 262 3.09 -4.35 18.35
CA LEU A 262 1.78 -3.72 18.54
C LEU A 262 0.58 -4.63 18.23
N MET A 263 0.73 -5.57 17.29
CA MET A 263 -0.39 -6.46 16.90
C MET A 263 -0.96 -7.29 18.05
N ARG A 264 -0.17 -7.44 19.12
CA ARG A 264 -0.65 -8.11 20.34
C ARG A 264 -1.90 -7.42 20.90
N TYR A 265 -2.00 -6.10 20.70
CA TYR A 265 -3.12 -5.31 21.21
C TYR A 265 -4.15 -5.01 20.12
N PHE A 266 -4.08 -5.75 19.02
CA PHE A 266 -5.01 -5.61 17.90
C PHE A 266 -5.43 -6.98 17.38
N PRO A 267 -6.15 -7.75 18.21
CA PRO A 267 -6.64 -9.06 17.79
C PRO A 267 -7.81 -8.98 16.82
N GLY A 268 -8.02 -10.06 16.07
CA GLY A 268 -9.14 -10.15 15.13
C GLY A 268 -8.83 -9.61 13.75
N ALA A 269 -7.54 -9.59 13.40
CA ALA A 269 -7.11 -9.15 12.07
C ALA A 269 -7.50 -10.17 10.99
N ASP A 270 -7.63 -11.43 11.39
CA ASP A 270 -7.95 -12.51 10.44
C ASP A 270 -9.43 -12.60 10.06
N GLU A 271 -10.28 -11.81 10.70
CA GLU A 271 -11.71 -11.78 10.38
C GLU A 271 -11.93 -11.15 9.00
N PRO A 272 -12.63 -11.86 8.09
CA PRO A 272 -12.81 -11.31 6.75
C PRO A 272 -13.74 -10.11 6.75
N LEU A 273 -13.61 -9.26 5.73
CA LEU A 273 -14.52 -8.12 5.57
C LEU A 273 -15.85 -8.63 5.06
N GLN A 274 -16.94 -8.30 5.75
CA GLN A 274 -18.28 -8.76 5.35
C GLN A 274 -19.45 -7.91 5.82
N TYR A 275 -19.16 -6.74 6.41
CA TYR A 275 -20.20 -5.89 6.97
C TYR A 275 -20.22 -4.59 6.21
N PRO A 276 -21.43 -4.10 5.85
CA PRO A 276 -21.52 -2.85 5.09
C PRO A 276 -21.30 -1.65 6.01
N CYS A 277 -21.12 -0.49 5.41
CA CYS A 277 -20.71 0.70 6.14
C CYS A 277 -21.35 1.91 5.49
N GLN A 278 -22.11 2.66 6.26
CA GLN A 278 -22.77 3.82 5.72
C GLN A 278 -22.02 5.02 6.31
N HIS A 279 -21.08 5.67 5.60
CA HIS A 279 -20.22 6.69 6.25
C HIS A 279 -20.25 8.13 5.75
N SER A 280 -20.73 8.97 6.67
CA SER A 280 -20.70 10.41 6.53
C SER A 280 -19.26 10.90 6.64
N LEU A 281 -18.54 10.43 7.66
CA LEU A 281 -17.13 10.77 7.87
C LEU A 281 -17.01 12.29 8.13
N PRO A 282 -17.23 12.72 9.40
CA PRO A 282 -17.47 14.14 9.74
C PRO A 282 -16.41 15.11 9.18
N PRO A 283 -16.70 15.76 8.03
CA PRO A 283 -15.72 16.57 7.29
C PRO A 283 -15.02 17.69 8.08
N GLY A 284 -15.70 18.21 9.10
CA GLY A 284 -15.18 19.34 9.89
C GLY A 284 -13.79 19.14 10.46
N GLU A 285 -12.78 19.50 9.67
CA GLU A 285 -11.39 19.41 10.10
C GLU A 285 -11.09 20.58 11.06
N ASP A 286 -11.02 20.26 12.35
CA ASP A 286 -10.80 21.26 13.40
C ASP A 286 -9.28 21.54 13.52
N GLY A 287 -8.70 21.25 14.68
CA GLY A 287 -7.25 21.13 14.80
C GLY A 287 -6.85 19.71 14.41
N ARG A 288 -7.56 18.74 14.97
CA ARG A 288 -7.33 17.32 14.72
C ARG A 288 -8.48 16.71 13.91
N VAL A 289 -8.34 15.43 13.56
CA VAL A 289 -9.43 14.65 12.94
C VAL A 289 -9.75 13.43 13.77
N GLU A 290 -10.94 12.88 13.55
CA GLU A 290 -11.37 11.66 14.24
C GLU A 290 -10.87 10.43 13.50
N PRO A 291 -10.43 9.41 14.23
CA PRO A 291 -10.13 8.15 13.55
C PRO A 291 -11.42 7.48 13.10
N TYR A 292 -11.34 6.69 12.04
CA TYR A 292 -12.47 5.87 11.62
C TYR A 292 -12.50 4.61 12.48
N VAL A 293 -11.32 4.05 12.76
CA VAL A 293 -11.20 2.89 13.64
C VAL A 293 -11.31 3.34 15.10
N ASP A 294 -11.46 2.36 16.00
CA ASP A 294 -11.73 2.61 17.43
C ASP A 294 -10.63 1.98 18.30
N PHE A 295 -9.99 2.78 19.16
CA PHE A 295 -8.83 2.30 19.93
C PHE A 295 -9.14 1.87 21.38
N ALA A 296 -10.42 1.93 21.77
CA ALA A 296 -10.84 1.48 23.11
C ALA A 296 -10.33 0.10 23.48
N GLU A 297 -10.47 -0.87 22.58
CA GLU A 297 -10.00 -2.24 22.83
C GLU A 297 -8.47 -2.28 23.01
N PHE A 298 -7.76 -1.47 22.23
CA PHE A 298 -6.30 -1.37 22.36
C PHE A 298 -5.89 -0.84 23.73
N TYR A 299 -6.50 0.27 24.14
CA TYR A 299 -6.20 0.85 25.44
C TYR A 299 -6.52 -0.13 26.56
N ARG A 300 -7.62 -0.87 26.38
CA ARG A 300 -8.04 -1.87 27.36
C ARG A 300 -6.96 -2.93 27.54
N LEU A 301 -6.59 -3.59 26.43
CA LEU A 301 -5.62 -4.68 26.46
C LEU A 301 -4.25 -4.22 26.93
N TRP A 302 -3.84 -3.05 26.46
CA TRP A 302 -2.58 -2.44 26.86
C TRP A 302 -2.56 -2.26 28.38
N SER A 303 -3.60 -1.59 28.89
CA SER A 303 -3.74 -1.36 30.32
C SER A 303 -3.61 -2.63 31.16
N VAL A 304 -4.09 -3.75 30.63
CA VAL A 304 -3.98 -5.05 31.30
C VAL A 304 -2.53 -5.53 31.41
N ASP A 305 -1.74 -5.33 30.35
CA ASP A 305 -0.31 -5.67 30.37
C ASP A 305 0.45 -4.72 31.30
N HIS A 306 0.23 -3.43 31.11
CA HIS A 306 0.97 -2.40 31.82
C HIS A 306 0.14 -1.89 33.00
N GLY A 307 0.14 -0.57 33.23
CA GLY A 307 -0.72 0.05 34.23
C GLY A 307 -1.83 0.86 33.56
N GLU A 308 -1.42 1.78 32.69
CA GLU A 308 -2.36 2.61 31.93
C GLU A 308 -1.72 3.15 30.65
#